data_6TPF
#
_entry.id   6TPF
#
_cell.length_a   42.728
_cell.length_b   171.198
_cell.length_c   44.330
_cell.angle_alpha   90.000
_cell.angle_beta   91.840
_cell.angle_gamma   90.000
#
_symmetry.space_group_name_H-M   'P 1 21 1'
#
loop_
_entity.id
_entity.type
_entity.pdbx_description
1 polymer 'Tyrosine-protein kinase JAK1'
2 non-polymer (1~{S})-2,2-bis(fluoranyl)-~{N}-[4-(3-methyl-6-oxidanylidene-2,7-dihydropyrazolo[3,4-b]pyridin-4-yl)cyclohexyl]cyclopropane-1-carboxamide
3 water water
#
_entity_poly.entity_id   1
_entity_poly.type   'polypeptide(L)'
_entity_poly.pdbx_seq_one_letter_code
;EVDPTHFEKRFLKRIRDLGEGHFGKVELCRYDPEGDNTGEQVAVKSLKPESGGNHIADLKKEIEILRNLYHENIVKYKGI
CTEDGGNGIKLIMEFLPSGSLKEYLPKNKNKINLKQQLKYAVQICKGMDYLGSRQYVHRDLAARNVLVESEHQVKIGDFG
LTKAIETDKE(PTR)(PTR)TVKDDRDSPVFWYAPECLMQSKFYIASDVWSFGVTLHELLTYCDSDSSPMALFLKMIGPT
HGQMTVTRLVNTLKEGKRLPCPPNCPDEVYQLMRKCWEFQPSNRTSFQNLIEGFEALLK
;
_entity_poly.pdbx_strand_id   A,B
#
# COMPACT_ATOMS: atom_id res chain seq x y z
N GLU A 1 28.77 12.15 43.61
CA GLU A 1 29.07 12.94 42.36
C GLU A 1 28.08 12.60 41.22
N VAL A 2 27.86 13.59 40.35
CA VAL A 2 26.76 13.57 39.36
C VAL A 2 27.18 12.82 38.08
N ASP A 3 26.20 12.17 37.43
CA ASP A 3 26.36 11.53 36.11
C ASP A 3 26.11 12.62 35.04
N PRO A 4 27.10 12.89 34.14
CA PRO A 4 26.88 13.87 33.06
C PRO A 4 25.99 13.40 31.87
N THR A 5 25.73 12.09 31.73
CA THR A 5 24.74 11.57 30.76
C THR A 5 23.30 11.46 31.33
N HIS A 6 22.96 12.32 32.29
CA HIS A 6 21.64 12.31 32.97
CA HIS A 6 21.65 12.32 32.96
C HIS A 6 21.11 13.74 32.99
N PHE A 7 19.99 13.96 32.31
CA PHE A 7 19.41 15.28 32.08
C PHE A 7 18.07 15.30 32.78
N GLU A 8 17.90 16.19 33.78
CA GLU A 8 16.63 16.26 34.54
C GLU A 8 15.58 16.99 33.71
N LYS A 9 14.35 16.48 33.74
CA LYS A 9 13.24 16.98 32.91
C LYS A 9 12.95 18.47 33.14
N ARG A 10 12.92 18.86 34.42
CA ARG A 10 12.70 20.26 34.88
C ARG A 10 13.56 21.35 34.21
N PHE A 11 14.83 21.02 33.94
CA PHE A 11 15.77 21.94 33.28
C PHE A 11 15.73 21.87 31.74
N LEU A 12 15.02 20.87 31.19
CA LEU A 12 14.95 20.65 29.75
C LEU A 12 13.79 21.51 29.21
N LYS A 13 14.14 22.58 28.50
CA LYS A 13 13.20 23.61 28.02
C LYS A 13 13.09 23.60 26.50
N ARG A 14 11.87 23.43 25.96
CA ARG A 14 11.66 23.35 24.50
C ARG A 14 11.85 24.70 23.80
N ILE A 15 12.48 24.68 22.62
CA ILE A 15 12.68 25.90 21.78
C ILE A 15 11.86 25.78 20.50
N ARG A 16 12.11 24.74 19.73
CA ARG A 16 11.39 24.47 18.46
C ARG A 16 11.42 22.98 18.08
N ASP A 17 10.60 22.62 17.09
CA ASP A 17 10.63 21.29 16.50
C ASP A 17 11.70 21.21 15.40
N LEU A 18 12.35 20.05 15.31
CA LEU A 18 13.33 19.73 14.29
C LEU A 18 12.84 18.68 13.33
N GLY A 19 12.16 17.65 13.85
CA GLY A 19 11.43 16.71 13.03
C GLY A 19 10.44 15.88 13.82
N GLU A 20 9.52 15.22 13.10
CA GLU A 20 8.62 14.20 13.66
C GLU A 20 8.20 13.09 12.68
N GLY A 21 7.76 11.97 13.25
CA GLY A 21 7.23 10.81 12.54
C GLY A 21 5.83 10.44 13.02
N HIS A 22 5.44 9.21 12.71
CA HIS A 22 4.14 8.64 13.11
C HIS A 22 4.24 7.79 14.42
N PHE A 23 4.93 8.34 15.42
CA PHE A 23 5.38 7.59 16.63
C PHE A 23 6.20 8.44 17.63
N GLY A 24 7.17 9.19 17.14
CA GLY A 24 8.14 9.93 17.96
C GLY A 24 8.48 11.25 17.30
N LYS A 25 9.01 12.19 18.08
CA LYS A 25 9.53 13.45 17.54
C LYS A 25 10.79 13.96 18.23
N VAL A 26 11.53 14.81 17.52
CA VAL A 26 12.76 15.41 17.97
C VAL A 26 12.59 16.92 18.02
N GLU A 27 12.92 17.49 19.20
CA GLU A 27 12.79 18.91 19.48
C GLU A 27 14.19 19.48 19.76
N LEU A 28 14.27 20.81 19.70
CA LEU A 28 15.44 21.57 20.11
C LEU A 28 15.15 21.98 21.54
N CYS A 29 16.01 21.58 22.47
CA CYS A 29 15.93 22.04 23.86
C CYS A 29 17.24 22.61 24.37
N ARG A 30 17.13 23.63 25.24
CA ARG A 30 18.25 24.09 26.06
C ARG A 30 18.16 23.30 27.36
N TYR A 31 19.25 22.62 27.72
CA TYR A 31 19.41 22.11 29.08
C TYR A 31 19.97 23.26 29.91
N ASP A 32 19.12 23.84 30.77
CA ASP A 32 19.40 25.08 31.48
C ASP A 32 19.16 24.90 33.02
N PRO A 33 20.03 24.12 33.71
CA PRO A 33 20.00 24.05 35.19
C PRO A 33 20.18 25.36 35.95
N GLU A 34 20.99 26.25 35.41
CA GLU A 34 21.28 27.55 36.05
C GLU A 34 20.08 28.52 35.96
N GLY A 35 19.26 28.36 34.91
CA GLY A 35 17.99 29.09 34.78
C GLY A 35 18.11 30.53 34.29
N ASP A 36 19.06 30.76 33.37
CA ASP A 36 19.42 32.10 32.87
C ASP A 36 19.60 32.22 31.34
N ASN A 37 19.14 31.20 30.60
CA ASN A 37 19.34 31.05 29.15
C ASN A 37 20.80 30.99 28.69
N THR A 38 21.67 30.37 29.51
CA THR A 38 23.10 30.14 29.15
C THR A 38 23.46 28.69 28.81
N GLY A 39 22.60 27.72 29.16
CA GLY A 39 22.88 26.33 28.94
C GLY A 39 23.01 25.85 27.50
N GLU A 40 23.52 24.64 27.36
CA GLU A 40 23.86 24.03 26.07
C GLU A 40 22.60 23.55 25.32
N GLN A 41 22.58 23.74 24.00
CA GLN A 41 21.52 23.29 23.12
C GLN A 41 21.70 21.81 22.81
N VAL A 42 20.59 21.07 22.76
CA VAL A 42 20.60 19.63 22.45
C VAL A 42 19.38 19.20 21.59
N ALA A 43 19.54 18.11 20.85
CA ALA A 43 18.42 17.41 20.17
C ALA A 43 17.82 16.38 21.16
N VAL A 44 16.52 16.54 21.47
CA VAL A 44 15.77 15.69 22.41
C VAL A 44 14.69 14.90 21.67
N LYS A 45 14.95 13.62 21.47
CA LYS A 45 14.03 12.71 20.83
C LYS A 45 13.11 12.06 21.88
N SER A 46 11.81 12.10 21.64
CA SER A 46 10.85 11.41 22.51
C SER A 46 9.62 10.89 21.76
N LEU A 47 8.87 10.04 22.46
CA LEU A 47 7.66 9.42 21.92
C LEU A 47 6.48 10.37 22.07
N LYS A 48 5.51 10.25 21.15
CA LYS A 48 4.21 10.91 21.30
C LYS A 48 3.27 9.98 22.14
N PRO A 49 2.32 10.56 22.91
CA PRO A 49 1.29 9.74 23.59
C PRO A 49 0.15 9.30 22.66
N GLY A 52 1.62 4.20 23.96
CA GLY A 52 2.45 3.34 23.12
C GLY A 52 3.41 2.43 23.88
N GLY A 53 2.93 1.23 24.21
CA GLY A 53 3.75 0.21 24.89
C GLY A 53 4.86 -0.36 24.03
N ASN A 54 4.51 -0.73 22.80
CA ASN A 54 5.47 -1.27 21.80
C ASN A 54 6.53 -0.26 21.32
N HIS A 55 6.23 1.05 21.44
CA HIS A 55 7.15 2.13 21.01
C HIS A 55 8.22 2.54 22.07
N ILE A 56 7.93 2.36 23.37
CA ILE A 56 8.92 2.59 24.45
C ILE A 56 10.08 1.58 24.36
N ALA A 57 9.75 0.32 24.05
CA ALA A 57 10.75 -0.70 23.69
C ALA A 57 11.72 -0.24 22.59
N ASP A 58 11.16 0.37 21.53
CA ASP A 58 11.94 0.77 20.34
C ASP A 58 12.90 1.93 20.60
N LEU A 59 12.44 2.90 21.39
CA LEU A 59 13.27 4.01 21.83
C LEU A 59 14.41 3.56 22.74
N LYS A 60 14.15 2.65 23.65
CA LYS A 60 15.21 2.12 24.53
C LYS A 60 16.31 1.42 23.74
N LYS A 61 15.92 0.60 22.75
CA LYS A 61 16.85 -0.06 21.82
C LYS A 61 17.71 0.94 21.05
N GLU A 62 17.06 1.95 20.48
CA GLU A 62 17.70 3.03 19.74
C GLU A 62 18.74 3.78 20.58
N ILE A 63 18.35 4.13 21.81
CA ILE A 63 19.25 4.74 22.83
C ILE A 63 20.50 3.89 23.03
N GLU A 64 20.31 2.59 23.26
CA GLU A 64 21.39 1.67 23.57
C GLU A 64 22.27 1.34 22.38
N ILE A 65 21.70 1.34 21.18
CA ILE A 65 22.47 1.35 19.90
C ILE A 65 23.31 2.64 19.75
N LEU A 66 22.70 3.81 19.91
CA LEU A 66 23.40 5.12 19.71
C LEU A 66 24.46 5.48 20.79
N ARG A 67 24.23 5.03 22.03
CA ARG A 67 25.20 5.11 23.13
C ARG A 67 26.55 4.53 22.81
N ASN A 68 26.57 3.42 22.09
CA ASN A 68 27.79 2.64 21.82
C ASN A 68 28.36 2.80 20.42
N LEU A 69 27.83 3.72 19.60
CA LEU A 69 28.45 4.07 18.32
C LEU A 69 29.36 5.28 18.55
N TYR A 70 30.65 5.14 18.23
CA TYR A 70 31.65 6.23 18.36
C TYR A 70 32.31 6.40 17.01
N HIS A 71 31.94 7.46 16.29
CA HIS A 71 32.49 7.72 14.92
C HIS A 71 32.29 9.16 14.51
N GLU A 72 33.25 9.74 13.78
CA GLU A 72 33.24 11.17 13.35
C GLU A 72 31.96 11.51 12.58
N ASN A 73 31.58 10.60 11.70
CA ASN A 73 30.37 10.67 10.87
C ASN A 73 29.03 10.07 11.44
N ILE A 74 28.97 9.82 12.75
CA ILE A 74 27.72 9.50 13.44
C ILE A 74 27.50 10.56 14.53
N VAL A 75 26.28 11.05 14.63
CA VAL A 75 25.86 12.00 15.68
C VAL A 75 26.12 11.40 17.10
N LYS A 76 26.42 12.29 18.04
CA LYS A 76 26.94 11.93 19.35
C LYS A 76 25.79 11.83 20.33
N TYR A 77 25.63 10.64 20.90
CA TYR A 77 24.90 10.46 22.16
C TYR A 77 25.47 11.37 23.23
N LYS A 78 24.60 12.19 23.85
CA LYS A 78 24.90 12.98 25.02
C LYS A 78 24.31 12.36 26.30
N GLY A 79 23.06 11.89 26.24
CA GLY A 79 22.49 11.23 27.39
C GLY A 79 21.05 10.88 27.33
N ILE A 80 20.52 10.51 28.51
CA ILE A 80 19.10 10.22 28.69
C ILE A 80 18.45 11.12 29.71
N CYS A 81 17.14 11.33 29.52
CA CYS A 81 16.24 11.90 30.52
C CYS A 81 15.16 10.84 30.81
N THR A 82 15.10 10.38 32.06
CA THR A 82 14.11 9.35 32.50
C THR A 82 12.79 9.99 32.96
N GLU A 83 11.71 9.20 32.96
CA GLU A 83 10.42 9.60 33.58
C GLU A 83 10.57 9.50 35.12
N ASP A 84 9.87 10.38 35.83
CA ASP A 84 9.86 10.41 37.31
C ASP A 84 9.26 9.16 37.97
N GLY A 85 8.28 8.54 37.31
CA GLY A 85 7.74 7.24 37.73
C GLY A 85 8.69 6.09 37.41
N GLY A 86 9.07 5.99 36.13
CA GLY A 86 9.97 4.93 35.63
C GLY A 86 9.95 4.73 34.13
N ASN A 87 8.77 4.44 33.59
CA ASN A 87 8.61 3.83 32.26
C ASN A 87 8.95 4.71 31.03
N GLY A 88 8.58 5.99 31.07
CA GLY A 88 8.88 6.94 29.98
C GLY A 88 10.35 7.33 29.92
N ILE A 89 10.79 7.91 28.79
CA ILE A 89 12.22 8.17 28.52
C ILE A 89 12.45 9.09 27.27
N LYS A 90 13.56 9.86 27.30
CA LYS A 90 14.01 10.72 26.17
C LYS A 90 15.48 10.49 25.81
N LEU A 91 15.80 10.61 24.51
CA LEU A 91 17.17 10.50 23.99
C LEU A 91 17.77 11.90 23.71
N ILE A 92 18.89 12.21 24.36
CA ILE A 92 19.56 13.51 24.26
C ILE A 92 20.79 13.38 23.36
N MET A 93 20.82 14.18 22.30
CA MET A 93 21.87 14.15 21.26
C MET A 93 22.44 15.56 21.09
N GLU A 94 23.65 15.68 20.55
CA GLU A 94 24.18 16.99 20.12
C GLU A 94 23.28 17.71 19.06
N PHE A 95 23.10 19.01 19.21
CA PHE A 95 22.45 19.84 18.26
C PHE A 95 23.47 20.35 17.21
N LEU A 96 23.18 20.13 15.92
CA LEU A 96 23.98 20.58 14.80
C LEU A 96 23.12 21.60 14.09
N PRO A 97 23.42 22.92 14.28
CA PRO A 97 22.46 23.95 13.85
C PRO A 97 22.19 24.12 12.34
N SER A 98 23.07 23.60 11.47
CA SER A 98 22.85 23.68 10.01
C SER A 98 21.88 22.60 9.52
N GLY A 99 21.69 21.54 10.33
CA GLY A 99 20.55 20.65 10.23
C GLY A 99 20.72 19.60 9.19
N SER A 100 19.62 19.03 8.72
CA SER A 100 19.73 17.96 7.72
C SER A 100 20.12 18.53 6.35
N LEU A 101 20.66 17.65 5.49
CA LEU A 101 20.97 18.00 4.11
C LEU A 101 19.76 18.54 3.34
N LYS A 102 18.59 17.95 3.61
CA LYS A 102 17.28 18.40 3.13
C LYS A 102 17.05 19.92 3.32
N GLU A 103 17.36 20.42 4.51
CA GLU A 103 17.26 21.85 4.82
C GLU A 103 18.50 22.66 4.37
N TYR A 104 19.67 22.03 4.35
CA TYR A 104 20.91 22.73 4.14
C TYR A 104 21.18 23.04 2.65
N LEU A 105 21.09 22.01 1.83
CA LEU A 105 21.47 22.08 0.42
C LEU A 105 20.76 23.12 -0.45
N PRO A 106 19.42 23.28 -0.30
CA PRO A 106 18.74 24.34 -1.03
C PRO A 106 19.26 25.76 -0.76
N LYS A 107 19.70 26.01 0.48
CA LYS A 107 20.22 27.33 0.89
C LYS A 107 21.70 27.59 0.60
N ASN A 108 22.51 26.55 0.38
CA ASN A 108 23.99 26.68 0.29
C ASN A 108 24.55 26.03 -0.98
N LYS A 109 23.76 26.04 -2.07
CA LYS A 109 24.18 25.50 -3.38
C LYS A 109 25.45 26.21 -3.92
N ASN A 110 25.54 27.51 -3.70
CA ASN A 110 26.72 28.30 -4.07
C ASN A 110 28.02 27.80 -3.40
N LYS A 111 27.94 27.47 -2.11
CA LYS A 111 29.11 27.00 -1.32
C LYS A 111 29.50 25.53 -1.57
N ILE A 112 28.57 24.71 -2.10
CA ILE A 112 28.73 23.26 -2.15
C ILE A 112 28.70 22.81 -3.61
N ASN A 113 29.83 22.25 -4.05
CA ASN A 113 30.06 21.83 -5.43
C ASN A 113 30.26 20.31 -5.50
N LEU A 114 30.50 19.78 -6.68
CA LEU A 114 30.60 18.35 -6.92
C LEU A 114 31.66 17.65 -6.04
N LYS A 115 32.82 18.25 -5.96
CA LYS A 115 33.91 17.77 -5.08
C LYS A 115 33.43 17.62 -3.62
N GLN A 116 32.77 18.66 -3.12
CA GLN A 116 32.24 18.66 -1.77
C GLN A 116 31.09 17.64 -1.56
N GLN A 117 30.22 17.47 -2.57
CA GLN A 117 29.15 16.46 -2.54
C GLN A 117 29.73 15.05 -2.50
N LEU A 118 30.77 14.79 -3.27
CA LEU A 118 31.43 13.48 -3.21
C LEU A 118 32.13 13.19 -1.87
N LYS A 119 32.59 14.25 -1.20
CA LYS A 119 33.18 14.13 0.13
C LYS A 119 32.18 13.78 1.21
N TYR A 120 31.03 14.45 1.18
CA TYR A 120 29.88 14.06 1.96
C TYR A 120 29.54 12.61 1.70
N ALA A 121 29.47 12.22 0.42
CA ALA A 121 29.18 10.83 0.05
C ALA A 121 30.15 9.84 0.72
N VAL A 122 31.46 10.08 0.63
CA VAL A 122 32.49 9.24 1.34
C VAL A 122 32.19 9.14 2.85
N GLN A 123 31.97 10.29 3.47
CA GLN A 123 31.64 10.42 4.88
C GLN A 123 30.36 9.66 5.34
N ILE A 124 29.35 9.61 4.46
CA ILE A 124 28.15 8.85 4.72
C ILE A 124 28.52 7.37 4.63
N CYS A 125 29.29 6.96 3.61
CA CYS A 125 29.71 5.53 3.46
C CYS A 125 30.58 4.98 4.66
N LYS A 126 31.34 5.87 5.30
CA LYS A 126 32.21 5.53 6.44
C LYS A 126 31.46 5.34 7.75
N GLY A 127 30.47 6.20 7.98
CA GLY A 127 29.55 6.07 9.10
C GLY A 127 28.73 4.81 8.92
N MET A 128 28.24 4.59 7.70
CA MET A 128 27.44 3.39 7.33
C MET A 128 28.20 2.09 7.38
N ASP A 129 29.49 2.09 7.03
CA ASP A 129 30.32 0.86 7.12
C ASP A 129 30.70 0.51 8.57
N TYR A 130 30.89 1.53 9.42
CA TYR A 130 31.10 1.32 10.84
C TYR A 130 29.88 0.63 11.48
N LEU A 131 28.70 1.15 11.17
CA LEU A 131 27.42 0.60 11.58
C LEU A 131 27.30 -0.86 11.17
N GLY A 132 27.45 -1.12 9.87
CA GLY A 132 27.40 -2.48 9.28
C GLY A 132 28.33 -3.47 9.94
N SER A 133 29.59 -3.07 10.06
CA SER A 133 30.63 -3.89 10.74
C SER A 133 30.35 -4.19 12.24
N ARG A 134 29.52 -3.35 12.88
CA ARG A 134 28.97 -3.58 14.22
C ARG A 134 27.65 -4.43 14.21
N GLN A 135 27.38 -5.18 13.14
CA GLN A 135 26.20 -6.04 12.99
C GLN A 135 24.86 -5.29 13.10
N TYR A 136 24.75 -4.13 12.42
CA TYR A 136 23.53 -3.31 12.42
C TYR A 136 23.09 -2.99 10.99
N VAL A 137 21.78 -2.96 10.76
CA VAL A 137 21.16 -2.53 9.49
C VAL A 137 20.30 -1.31 9.86
N HIS A 138 20.46 -0.22 9.09
CA HIS A 138 19.87 1.10 9.41
C HIS A 138 18.39 1.25 9.02
N ARG A 139 18.06 0.78 7.82
CA ARG A 139 16.67 0.76 7.29
C ARG A 139 15.99 2.12 7.00
N ASP A 140 16.72 3.24 7.07
CA ASP A 140 16.13 4.62 7.02
C ASP A 140 17.12 5.72 6.47
N LEU A 141 18.05 5.32 5.64
CA LEU A 141 19.13 6.22 5.19
C LEU A 141 18.51 7.12 4.14
N ALA A 142 18.21 8.34 4.57
CA ALA A 142 17.74 9.38 3.64
C ALA A 142 18.49 10.68 3.90
N ALA A 143 18.45 11.60 2.94
CA ALA A 143 19.10 12.92 3.09
C ALA A 143 18.58 13.67 4.29
N ARG A 144 17.30 13.50 4.60
CA ARG A 144 16.70 14.01 5.84
C ARG A 144 17.29 13.52 7.20
N ASN A 145 18.05 12.42 7.21
CA ASN A 145 18.75 11.93 8.43
C ASN A 145 20.26 12.14 8.39
N VAL A 146 20.76 12.89 7.39
CA VAL A 146 22.18 13.22 7.30
C VAL A 146 22.28 14.66 7.71
N LEU A 147 22.99 14.92 8.81
CA LEU A 147 23.17 16.25 9.40
C LEU A 147 24.45 16.91 8.93
N VAL A 148 24.51 18.22 9.05
CA VAL A 148 25.64 19.01 8.61
C VAL A 148 26.27 19.53 9.85
N GLU A 149 27.48 19.05 10.13
CA GLU A 149 28.29 19.52 11.26
C GLU A 149 28.92 20.85 10.86
N SER A 150 29.56 20.84 9.70
CA SER A 150 30.09 22.06 9.04
C SER A 150 30.00 21.86 7.55
N GLU A 151 30.54 22.79 6.75
CA GLU A 151 30.54 22.60 5.27
C GLU A 151 31.48 21.47 4.81
N HIS A 152 32.44 21.10 5.65
CA HIS A 152 33.37 19.96 5.43
C HIS A 152 33.00 18.65 6.18
N GLN A 153 31.89 18.61 6.92
CA GLN A 153 31.53 17.45 7.70
C GLN A 153 30.01 17.18 7.81
N VAL A 154 29.60 15.97 7.41
CA VAL A 154 28.26 15.46 7.65
C VAL A 154 28.21 14.31 8.69
N LYS A 155 27.05 14.06 9.29
CA LYS A 155 26.82 12.90 10.20
C LYS A 155 25.45 12.23 10.04
N ILE A 156 25.41 10.93 10.18
CA ILE A 156 24.14 10.17 10.25
C ILE A 156 23.57 10.55 11.60
N GLY A 157 22.38 11.15 11.56
CA GLY A 157 21.76 11.76 12.70
C GLY A 157 20.49 11.08 13.24
N ASP A 158 20.09 9.94 12.69
CA ASP A 158 18.88 9.25 13.20
C ASP A 158 19.03 7.79 13.09
N PHE A 159 18.65 7.08 14.16
CA PHE A 159 18.78 5.64 14.25
C PHE A 159 17.46 4.99 14.76
N GLY A 160 16.33 5.56 14.33
CA GLY A 160 14.98 5.11 14.67
C GLY A 160 14.53 3.71 14.28
N LEU A 161 14.93 3.30 13.10
CA LEU A 161 14.64 2.00 12.47
C LEU A 161 15.83 1.03 12.46
N THR A 162 16.89 1.35 13.19
CA THR A 162 18.14 0.57 13.15
C THR A 162 17.95 -0.71 13.99
N LYS A 163 18.49 -1.82 13.45
CA LYS A 163 18.20 -3.17 13.87
C LYS A 163 19.48 -4.01 13.80
N ALA A 164 19.67 -4.86 14.82
CA ALA A 164 20.70 -5.88 14.79
C ALA A 164 20.36 -6.98 13.75
N ILE A 165 21.35 -7.36 12.93
CA ILE A 165 21.36 -8.63 12.18
C ILE A 165 22.04 -9.65 13.11
N GLU A 166 21.42 -10.81 13.29
CA GLU A 166 21.99 -11.97 14.03
C GLU A 166 23.25 -12.52 13.33
N THR A 167 24.11 -13.21 14.07
CA THR A 167 25.32 -13.85 13.49
C THR A 167 24.97 -14.97 12.50
N ASP A 168 23.98 -15.80 12.85
CA ASP A 168 23.56 -16.93 12.00
C ASP A 168 22.92 -16.46 10.69
N LYS A 169 21.88 -15.61 10.81
CA LYS A 169 21.21 -15.00 9.65
C LYS A 169 22.08 -13.92 8.97
N GLU A 170 21.73 -13.62 7.72
CA GLU A 170 22.38 -12.55 6.93
C GLU A 170 21.41 -11.40 6.61
N THR A 173 14.21 -9.51 9.34
CA THR A 173 12.82 -9.50 8.89
C THR A 173 11.97 -8.60 9.79
N VAL A 174 11.44 -7.53 9.21
CA VAL A 174 10.56 -6.56 9.90
C VAL A 174 9.09 -7.03 9.88
N LYS A 175 8.37 -6.74 10.95
CA LYS A 175 6.92 -6.94 11.04
C LYS A 175 6.21 -5.61 10.75
N ASP A 176 6.51 -4.59 11.56
CA ASP A 176 5.89 -3.27 11.43
CA ASP A 176 5.87 -3.26 11.43
C ASP A 176 6.56 -2.47 10.32
N ASP A 177 6.09 -2.69 9.10
CA ASP A 177 6.52 -1.98 7.90
C ASP A 177 5.57 -0.81 7.51
N ARG A 178 4.70 -0.36 8.43
CA ARG A 178 3.50 0.41 8.04
C ARG A 178 3.76 1.82 7.47
N ASP A 179 4.69 2.58 8.05
CA ASP A 179 5.07 3.91 7.55
C ASP A 179 6.51 3.95 7.03
N SER A 180 6.88 2.96 6.20
CA SER A 180 8.24 2.83 5.67
C SER A 180 8.52 3.87 4.55
N PRO A 181 9.80 4.25 4.36
CA PRO A 181 10.19 5.12 3.24
C PRO A 181 10.40 4.28 1.96
N VAL A 182 9.30 4.05 1.25
CA VAL A 182 9.27 3.07 0.15
C VAL A 182 10.11 3.44 -1.07
N PHE A 183 10.19 4.72 -1.38
CA PHE A 183 11.01 5.16 -2.53
C PHE A 183 12.52 5.13 -2.30
N TRP A 184 12.92 4.88 -1.03
CA TRP A 184 14.31 4.66 -0.62
C TRP A 184 14.68 3.18 -0.48
N TYR A 185 13.73 2.27 -0.73
CA TYR A 185 13.87 0.84 -0.34
C TYR A 185 14.27 -0.08 -1.50
N ALA A 186 15.17 -1.05 -1.20
CA ALA A 186 15.54 -2.11 -2.15
C ALA A 186 14.37 -3.10 -2.37
N PRO A 187 14.37 -3.86 -3.50
CA PRO A 187 13.19 -4.68 -3.80
C PRO A 187 12.88 -5.80 -2.79
N GLU A 188 13.92 -6.42 -2.20
CA GLU A 188 13.79 -7.35 -1.07
C GLU A 188 13.08 -6.78 0.17
N CYS A 189 13.29 -5.49 0.45
CA CYS A 189 12.55 -4.77 1.49
C CYS A 189 11.06 -4.61 1.14
N LEU A 190 10.81 -4.19 -0.09
CA LEU A 190 9.45 -4.08 -0.63
C LEU A 190 8.70 -5.45 -0.76
N MET A 191 9.42 -6.54 -1.06
CA MET A 191 8.80 -7.84 -1.41
C MET A 191 8.72 -8.86 -0.25
N GLN A 192 9.88 -9.19 0.33
CA GLN A 192 10.00 -10.14 1.45
C GLN A 192 10.06 -9.48 2.85
N SER A 193 9.99 -8.15 2.94
CA SER A 193 10.19 -7.41 4.23
C SER A 193 11.58 -7.66 4.89
N LYS A 194 12.57 -7.95 4.06
CA LYS A 194 13.90 -8.39 4.48
C LYS A 194 14.86 -7.22 4.34
N PHE A 195 15.80 -7.12 5.28
CA PHE A 195 16.78 -6.01 5.33
C PHE A 195 18.20 -6.55 5.52
N TYR A 196 18.97 -6.47 4.44
CA TYR A 196 20.39 -6.86 4.39
C TYR A 196 21.22 -5.59 4.57
N ILE A 197 22.51 -5.73 4.88
CA ILE A 197 23.44 -4.57 4.78
C ILE A 197 23.40 -3.99 3.35
N ALA A 198 23.39 -4.86 2.34
CA ALA A 198 23.20 -4.49 0.92
C ALA A 198 21.97 -3.64 0.62
N SER A 199 20.92 -3.76 1.43
CA SER A 199 19.76 -2.87 1.35
C SER A 199 20.09 -1.44 1.78
N ASP A 200 20.93 -1.25 2.80
CA ASP A 200 21.42 0.11 3.14
C ASP A 200 22.19 0.78 1.99
N VAL A 201 22.89 -0.03 1.18
CA VAL A 201 23.63 0.42 0.00
C VAL A 201 22.67 0.89 -1.09
N TRP A 202 21.52 0.20 -1.22
CA TRP A 202 20.44 0.62 -2.09
C TRP A 202 20.02 2.00 -1.74
N SER A 203 19.65 2.17 -0.46
CA SER A 203 19.23 3.47 0.11
C SER A 203 20.28 4.56 -0.01
N PHE A 204 21.56 4.21 0.11
CA PHE A 204 22.63 5.18 -0.10
C PHE A 204 22.56 5.76 -1.51
N GLY A 205 22.46 4.88 -2.52
CA GLY A 205 22.31 5.29 -3.92
C GLY A 205 21.22 6.33 -4.15
N VAL A 206 20.09 6.16 -3.47
CA VAL A 206 18.97 7.14 -3.52
C VAL A 206 19.33 8.43 -2.76
N THR A 207 19.98 8.28 -1.60
CA THR A 207 20.42 9.39 -0.78
C THR A 207 21.41 10.25 -1.58
N LEU A 208 22.31 9.57 -2.30
CA LEU A 208 23.30 10.15 -3.16
C LEU A 208 22.63 10.87 -4.33
N HIS A 209 21.56 10.28 -4.86
CA HIS A 209 20.73 11.00 -5.82
C HIS A 209 20.23 12.33 -5.23
N GLU A 210 19.66 12.30 -4.00
CA GLU A 210 19.11 13.53 -3.40
C GLU A 210 20.17 14.60 -3.23
N LEU A 211 21.34 14.18 -2.73
CA LEU A 211 22.51 14.99 -2.48
C LEU A 211 23.00 15.73 -3.76
N LEU A 212 23.11 14.99 -4.84
CA LEU A 212 23.48 15.49 -6.16
C LEU A 212 22.46 16.44 -6.85
N THR A 213 21.20 16.39 -6.41
CA THR A 213 20.13 17.32 -6.86
C THR A 213 19.84 18.42 -5.81
N TYR A 214 20.72 18.57 -4.82
CA TYR A 214 20.59 19.59 -3.77
C TYR A 214 19.23 19.52 -3.01
N CYS A 215 18.74 18.28 -2.79
CA CYS A 215 17.45 18.03 -2.16
C CYS A 215 16.32 18.96 -2.63
N ASP A 216 16.25 19.16 -3.95
CA ASP A 216 15.15 19.87 -4.62
C ASP A 216 13.95 18.92 -4.57
N SER A 217 12.88 19.38 -3.93
CA SER A 217 11.61 18.61 -3.77
C SER A 217 11.06 18.13 -5.11
N ASP A 218 11.06 19.04 -6.10
CA ASP A 218 10.54 18.75 -7.46
CA ASP A 218 10.53 18.76 -7.47
C ASP A 218 11.24 17.58 -8.18
N SER A 219 12.49 17.32 -7.83
CA SER A 219 13.26 16.20 -8.40
CA SER A 219 13.26 16.20 -8.40
C SER A 219 13.63 15.17 -7.32
N SER A 220 12.78 15.01 -6.29
CA SER A 220 13.06 14.06 -5.17
C SER A 220 12.66 12.65 -5.60
N PRO A 221 13.18 11.61 -4.91
CA PRO A 221 12.82 10.21 -5.21
C PRO A 221 11.34 9.89 -5.28
N MET A 222 10.54 10.37 -4.34
CA MET A 222 9.08 10.27 -4.41
C MET A 222 8.57 10.92 -5.71
N ALA A 223 8.85 12.21 -5.91
CA ALA A 223 8.27 12.96 -7.06
C ALA A 223 8.72 12.49 -8.45
N LEU A 224 9.92 11.91 -8.55
CA LEU A 224 10.37 11.29 -9.80
C LEU A 224 9.83 9.86 -9.97
N PHE A 225 9.83 9.05 -8.89
CA PHE A 225 9.15 7.73 -8.94
C PHE A 225 7.65 7.87 -9.27
N LEU A 226 6.96 8.81 -8.59
CA LEU A 226 5.53 9.13 -8.85
C LEU A 226 5.25 9.70 -10.27
N LYS A 227 6.24 10.35 -10.89
CA LYS A 227 6.18 10.71 -12.33
C LYS A 227 6.29 9.48 -13.25
N MET A 228 7.13 8.51 -12.87
CA MET A 228 7.31 7.25 -13.63
C MET A 228 6.11 6.26 -13.54
N ILE A 229 5.77 5.83 -12.33
CA ILE A 229 4.76 4.75 -12.11
C ILE A 229 3.30 5.23 -12.30
N GLY A 230 3.00 6.40 -11.75
CA GLY A 230 1.66 7.03 -11.78
C GLY A 230 1.43 7.84 -10.49
N PRO A 231 1.05 9.16 -10.57
CA PRO A 231 0.81 9.99 -9.35
C PRO A 231 -0.20 9.45 -8.35
N THR A 232 -1.29 8.84 -8.89
CA THR A 232 -2.50 8.48 -8.14
C THR A 232 -2.90 6.98 -8.31
N HIS A 233 -2.21 6.09 -7.59
CA HIS A 233 -2.51 4.63 -7.52
C HIS A 233 -2.90 4.14 -6.09
N GLY A 234 -2.94 5.03 -5.10
CA GLY A 234 -3.18 4.69 -3.67
C GLY A 234 -2.51 3.48 -3.02
N GLN A 235 -3.29 2.46 -2.69
CA GLN A 235 -2.79 1.17 -2.19
C GLN A 235 -1.81 0.42 -3.17
N MET A 236 -1.99 0.62 -4.49
CA MET A 236 -1.18 -0.05 -5.54
C MET A 236 0.16 0.63 -5.87
N THR A 237 0.48 1.75 -5.22
CA THR A 237 1.77 2.44 -5.43
C THR A 237 2.98 1.48 -5.31
N VAL A 238 2.97 0.71 -4.21
CA VAL A 238 4.17 -0.08 -3.77
C VAL A 238 4.38 -1.30 -4.66
N THR A 239 3.30 -1.94 -5.07
CA THR A 239 3.38 -3.04 -6.01
C THR A 239 3.77 -2.57 -7.42
N ARG A 240 3.22 -1.42 -7.85
CA ARG A 240 3.63 -0.78 -9.12
C ARG A 240 5.10 -0.28 -9.11
N LEU A 241 5.58 0.20 -7.96
CA LEU A 241 7.02 0.49 -7.75
C LEU A 241 7.89 -0.77 -7.94
N VAL A 242 7.51 -1.87 -7.28
CA VAL A 242 8.22 -3.17 -7.39
C VAL A 242 8.30 -3.66 -8.84
N ASN A 243 7.26 -3.40 -9.64
CA ASN A 243 7.24 -3.82 -11.05
C ASN A 243 8.09 -2.99 -12.01
N THR A 244 8.24 -1.69 -11.76
CA THR A 244 9.18 -0.86 -12.59
C THR A 244 10.65 -1.19 -12.30
N LEU A 245 10.98 -1.36 -11.02
CA LEU A 245 12.31 -1.88 -10.59
C LEU A 245 12.65 -3.28 -11.14
N LYS A 246 11.65 -4.15 -11.24
CA LYS A 246 11.77 -5.46 -11.90
C LYS A 246 12.11 -5.32 -13.41
N GLU A 247 11.40 -4.43 -14.10
CA GLU A 247 11.67 -4.09 -15.52
C GLU A 247 13.10 -3.53 -15.79
N GLY A 248 13.71 -2.93 -14.77
CA GLY A 248 15.05 -2.31 -14.85
C GLY A 248 15.04 -0.78 -14.85
N LYS A 249 13.92 -0.17 -14.44
CA LYS A 249 13.76 1.29 -14.41
C LYS A 249 14.35 1.81 -13.12
N ARG A 250 15.24 2.80 -13.23
CA ARG A 250 15.90 3.44 -12.09
C ARG A 250 15.85 4.96 -12.28
N LEU A 251 16.07 5.68 -11.17
CA LEU A 251 16.12 7.14 -11.19
C LEU A 251 17.17 7.65 -12.20
N PRO A 252 16.86 8.76 -12.90
CA PRO A 252 17.76 9.16 -13.99
C PRO A 252 18.96 9.90 -13.42
N CYS A 253 19.97 10.10 -14.25
CA CYS A 253 21.16 10.86 -13.86
C CYS A 253 20.73 12.26 -13.43
N PRO A 254 21.12 12.70 -12.20
CA PRO A 254 20.93 14.12 -11.83
C PRO A 254 21.61 15.05 -12.83
N PRO A 255 21.03 16.27 -13.07
CA PRO A 255 21.70 17.17 -14.02
C PRO A 255 23.01 17.69 -13.39
N ASN A 256 24.04 17.79 -14.22
CA ASN A 256 25.43 18.08 -13.79
C ASN A 256 26.13 17.02 -12.91
N CYS A 257 25.63 15.78 -12.96
CA CYS A 257 26.29 14.63 -12.36
C CYS A 257 27.01 13.93 -13.50
N PRO A 258 28.35 13.74 -13.38
CA PRO A 258 29.07 13.06 -14.47
C PRO A 258 28.75 11.56 -14.52
N ASP A 259 28.90 10.95 -15.69
CA ASP A 259 28.54 9.55 -15.88
C ASP A 259 29.24 8.60 -14.88
N GLU A 260 30.54 8.84 -14.63
CA GLU A 260 31.36 8.04 -13.69
C GLU A 260 30.82 8.00 -12.26
N VAL A 261 30.20 9.09 -11.82
CA VAL A 261 29.49 9.15 -10.54
C VAL A 261 28.21 8.33 -10.68
N TYR A 262 27.46 8.55 -11.76
CA TYR A 262 26.20 7.85 -12.02
C TYR A 262 26.36 6.32 -12.06
N GLN A 263 27.49 5.80 -12.54
CA GLN A 263 27.75 4.34 -12.54
C GLN A 263 27.99 3.75 -11.14
N LEU A 264 28.56 4.55 -10.24
CA LEU A 264 28.64 4.18 -8.80
C LEU A 264 27.26 4.13 -8.14
N MET A 265 26.40 5.08 -8.53
CA MET A 265 25.00 5.15 -8.12
C MET A 265 24.22 3.97 -8.66
N ARG A 266 24.37 3.68 -9.96
CA ARG A 266 23.74 2.51 -10.62
C ARG A 266 24.07 1.16 -9.95
N LYS A 267 25.34 0.97 -9.59
CA LYS A 267 25.83 -0.22 -8.83
C LYS A 267 25.15 -0.44 -7.47
N CYS A 268 24.71 0.63 -6.83
CA CYS A 268 23.88 0.53 -5.62
C CYS A 268 22.49 -0.10 -5.85
N TRP A 269 22.01 0.03 -7.09
CA TRP A 269 20.64 -0.31 -7.45
C TRP A 269 20.46 -1.57 -8.31
N GLU A 270 21.37 -2.54 -8.20
CA GLU A 270 21.22 -3.88 -8.76
C GLU A 270 20.28 -4.66 -7.90
N PHE A 271 19.56 -5.53 -8.57
CA PHE A 271 18.31 -6.08 -8.05
C PHE A 271 18.56 -7.02 -6.87
N GLN A 272 19.46 -7.98 -7.06
CA GLN A 272 19.80 -8.96 -6.04
C GLN A 272 20.78 -8.32 -5.02
N PRO A 273 20.53 -8.48 -3.69
CA PRO A 273 21.46 -7.91 -2.68
C PRO A 273 22.93 -8.36 -2.79
N SER A 274 23.15 -9.64 -3.07
CA SER A 274 24.50 -10.21 -3.21
C SER A 274 25.32 -9.67 -4.42
N ASN A 275 24.64 -9.22 -5.49
CA ASN A 275 25.30 -8.63 -6.71
C ASN A 275 25.19 -7.09 -6.73
N ARG A 276 25.56 -6.50 -5.60
CA ARG A 276 25.42 -5.09 -5.33
C ARG A 276 26.72 -4.65 -4.64
N THR A 277 27.17 -3.44 -4.96
CA THR A 277 28.47 -2.92 -4.47
C THR A 277 28.48 -2.78 -2.93
N SER A 278 29.67 -2.81 -2.31
CA SER A 278 29.82 -2.58 -0.86
C SER A 278 30.25 -1.15 -0.56
N PHE A 279 30.02 -0.72 0.69
CA PHE A 279 30.37 0.64 1.12
C PHE A 279 31.89 0.95 1.00
N GLN A 280 32.73 -0.05 1.28
CA GLN A 280 34.18 0.03 1.04
C GLN A 280 34.57 0.28 -0.43
N ASN A 281 33.95 -0.48 -1.32
CA ASN A 281 34.12 -0.34 -2.78
C ASN A 281 33.69 1.07 -3.24
N LEU A 282 32.57 1.56 -2.71
CA LEU A 282 32.10 2.91 -2.98
C LEU A 282 33.06 4.06 -2.53
N ILE A 283 33.67 3.90 -1.36
CA ILE A 283 34.72 4.83 -0.85
C ILE A 283 35.86 4.92 -1.87
N GLU A 284 36.44 3.78 -2.19
CA GLU A 284 37.52 3.67 -3.19
C GLU A 284 37.19 4.28 -4.57
N GLY A 285 35.93 4.16 -4.99
CA GLY A 285 35.45 4.78 -6.24
C GLY A 285 35.29 6.29 -6.14
N PHE A 286 34.76 6.77 -5.02
CA PHE A 286 34.66 8.21 -4.76
C PHE A 286 36.06 8.85 -4.60
N GLU A 287 36.93 8.24 -3.79
CA GLU A 287 38.31 8.70 -3.56
C GLU A 287 39.10 8.89 -4.86
N ALA A 288 39.07 7.87 -5.71
CA ALA A 288 39.66 7.90 -7.07
C ALA A 288 39.21 9.06 -7.96
N LEU A 289 37.94 9.48 -7.82
CA LEU A 289 37.41 10.66 -8.54
C LEU A 289 37.89 11.99 -7.96
N LEU A 290 38.05 12.05 -6.64
CA LEU A 290 38.41 13.30 -5.93
C LEU A 290 39.82 13.86 -6.23
N VAL B 2 -43.79 8.16 -27.23
CA VAL B 2 -42.84 8.28 -26.08
C VAL B 2 -41.89 7.07 -26.01
N ASP B 3 -40.64 7.32 -25.60
CA ASP B 3 -39.63 6.29 -25.36
C ASP B 3 -39.82 5.80 -23.90
N PRO B 4 -40.06 4.47 -23.68
CA PRO B 4 -40.16 3.94 -22.30
C PRO B 4 -38.83 3.76 -21.55
N THR B 5 -37.67 3.79 -22.24
CA THR B 5 -36.34 3.80 -21.58
C THR B 5 -35.82 5.23 -21.31
N HIS B 6 -36.71 6.20 -21.10
CA HIS B 6 -36.39 7.60 -20.83
C HIS B 6 -37.17 8.05 -19.59
N PHE B 7 -36.46 8.38 -18.53
CA PHE B 7 -37.03 8.68 -17.22
C PHE B 7 -36.73 10.15 -16.93
N GLU B 8 -37.77 10.97 -16.79
CA GLU B 8 -37.61 12.41 -16.56
C GLU B 8 -37.23 12.65 -15.09
N LYS B 9 -36.27 13.56 -14.88
CA LYS B 9 -35.68 13.81 -13.56
C LYS B 9 -36.74 14.22 -12.51
N ARG B 10 -37.66 15.12 -12.93
CA ARG B 10 -38.78 15.63 -12.10
C ARG B 10 -39.65 14.58 -11.39
N PHE B 11 -39.90 13.46 -12.08
CA PHE B 11 -40.70 12.35 -11.54
C PHE B 11 -39.86 11.33 -10.74
N LEU B 12 -38.52 11.44 -10.79
CA LEU B 12 -37.62 10.51 -10.12
C LEU B 12 -37.41 11.01 -8.68
N LYS B 13 -38.03 10.28 -7.73
CA LYS B 13 -38.08 10.67 -6.31
C LYS B 13 -37.28 9.70 -5.44
N ARG B 14 -36.31 10.22 -4.67
CA ARG B 14 -35.43 9.37 -3.84
C ARG B 14 -36.16 8.80 -2.62
N ILE B 15 -35.90 7.54 -2.29
CA ILE B 15 -36.46 6.87 -1.08
C ILE B 15 -35.35 6.58 -0.07
N ARG B 16 -34.35 5.82 -0.50
CA ARG B 16 -33.19 5.47 0.35
C ARG B 16 -31.95 5.12 -0.47
N ASP B 17 -30.82 5.00 0.22
CA ASP B 17 -29.57 4.52 -0.36
C ASP B 17 -29.51 2.99 -0.35
N LEU B 18 -28.96 2.42 -1.42
CA LEU B 18 -28.75 0.98 -1.56
C LEU B 18 -27.27 0.62 -1.50
N GLY B 19 -26.45 1.40 -2.21
CA GLY B 19 -25.01 1.33 -2.06
C GLY B 19 -24.31 2.61 -2.47
N GLU B 20 -23.08 2.75 -1.97
CA GLU B 20 -22.27 3.94 -2.10
C GLU B 20 -20.84 3.44 -2.27
N GLY B 21 -20.25 3.69 -3.43
CA GLY B 21 -18.94 3.13 -3.82
C GLY B 21 -17.82 4.13 -3.64
N HIS B 22 -17.61 4.94 -4.67
CA HIS B 22 -16.34 5.67 -4.86
C HIS B 22 -16.61 6.96 -5.66
N PHE B 23 -16.53 6.88 -7.00
CA PHE B 23 -17.08 7.87 -7.93
C PHE B 23 -18.61 7.98 -7.98
N GLY B 24 -19.31 6.83 -7.93
CA GLY B 24 -20.77 6.76 -8.02
C GLY B 24 -21.51 6.09 -6.86
N LYS B 25 -22.83 6.28 -6.85
CA LYS B 25 -23.71 5.61 -5.86
C LYS B 25 -25.09 5.28 -6.44
N VAL B 26 -25.75 4.32 -5.79
CA VAL B 26 -27.04 3.77 -6.25
C VAL B 26 -28.08 4.02 -5.16
N GLU B 27 -29.20 4.62 -5.58
CA GLU B 27 -30.33 4.95 -4.71
C GLU B 27 -31.56 4.14 -5.13
N LEU B 28 -32.53 4.09 -4.21
CA LEU B 28 -33.86 3.56 -4.49
C LEU B 28 -34.71 4.76 -4.84
N CYS B 29 -35.28 4.76 -6.04
CA CYS B 29 -36.24 5.80 -6.44
C CYS B 29 -37.55 5.21 -6.96
N ARG B 30 -38.65 5.91 -6.69
CA ARG B 30 -39.91 5.67 -7.37
C ARG B 30 -39.93 6.60 -8.57
N TYR B 31 -40.16 6.03 -9.76
CA TYR B 31 -40.55 6.83 -10.91
C TYR B 31 -42.05 7.04 -10.82
N ASP B 32 -42.46 8.25 -10.47
CA ASP B 32 -43.85 8.59 -10.13
C ASP B 32 -44.36 9.80 -10.96
N PRO B 33 -44.57 9.61 -12.30
CA PRO B 33 -45.24 10.63 -13.13
C PRO B 33 -46.66 11.03 -12.71
N GLU B 34 -47.42 10.09 -12.15
CA GLU B 34 -48.80 10.36 -11.72
C GLU B 34 -48.85 11.23 -10.44
N GLY B 35 -47.82 11.14 -9.60
CA GLY B 35 -47.64 12.01 -8.43
C GLY B 35 -48.48 11.65 -7.21
N ASP B 36 -48.64 10.34 -6.97
CA ASP B 36 -49.53 9.79 -5.91
C ASP B 36 -48.92 8.63 -5.10
N ASN B 37 -47.61 8.42 -5.20
CA ASN B 37 -46.88 7.27 -4.63
C ASN B 37 -47.34 5.89 -5.12
N THR B 38 -47.74 5.79 -6.39
CA THR B 38 -48.12 4.50 -7.04
C THR B 38 -47.11 3.94 -8.05
N GLY B 39 -46.17 4.77 -8.52
CA GLY B 39 -45.22 4.36 -9.56
C GLY B 39 -44.24 3.26 -9.18
N GLU B 40 -43.57 2.75 -10.21
CA GLU B 40 -42.63 1.63 -10.12
C GLU B 40 -41.32 2.00 -9.42
N GLN B 41 -40.82 1.10 -8.57
CA GLN B 41 -39.54 1.26 -7.88
C GLN B 41 -38.39 0.87 -8.82
N VAL B 42 -37.28 1.61 -8.75
CA VAL B 42 -36.09 1.37 -9.58
C VAL B 42 -34.77 1.66 -8.86
N ALA B 43 -33.69 0.99 -9.29
CA ALA B 43 -32.32 1.30 -8.86
C ALA B 43 -31.74 2.38 -9.79
N VAL B 44 -31.38 3.54 -9.22
CA VAL B 44 -30.84 4.71 -9.95
C VAL B 44 -29.37 4.92 -9.56
N LYS B 45 -28.48 4.55 -10.47
CA LYS B 45 -27.05 4.73 -10.28
C LYS B 45 -26.64 6.08 -10.86
N SER B 46 -25.91 6.86 -10.07
CA SER B 46 -25.38 8.14 -10.54
C SER B 46 -24.06 8.51 -9.88
N LEU B 47 -23.41 9.51 -10.47
CA LEU B 47 -22.12 10.00 -10.01
C LEU B 47 -22.33 11.01 -8.88
N LYS B 48 -21.37 11.09 -7.97
CA LYS B 48 -21.29 12.21 -7.02
C LYS B 48 -20.56 13.40 -7.67
N PRO B 49 -20.89 14.66 -7.30
CA PRO B 49 -20.19 15.83 -7.86
C PRO B 49 -18.85 16.12 -7.17
N HIS B 55 -15.23 10.69 -15.01
CA HIS B 55 -16.15 9.70 -14.44
C HIS B 55 -17.52 9.58 -15.15
N ILE B 56 -17.95 10.65 -15.83
CA ILE B 56 -19.11 10.59 -16.77
C ILE B 56 -18.83 9.66 -17.96
N ALA B 57 -17.60 9.68 -18.47
CA ALA B 57 -17.11 8.65 -19.41
C ALA B 57 -17.36 7.20 -18.95
N ASP B 58 -17.04 6.92 -17.69
CA ASP B 58 -17.14 5.56 -17.13
C ASP B 58 -18.59 5.07 -16.95
N LEU B 59 -19.47 5.97 -16.51
CA LEU B 59 -20.88 5.70 -16.41
C LEU B 59 -21.54 5.46 -17.77
N LYS B 60 -21.18 6.25 -18.78
CA LYS B 60 -21.71 6.04 -20.13
C LYS B 60 -21.34 4.67 -20.70
N LYS B 61 -20.09 4.26 -20.51
CA LYS B 61 -19.61 2.91 -20.88
C LYS B 61 -20.41 1.81 -20.21
N GLU B 62 -20.55 1.94 -18.88
CA GLU B 62 -21.30 1.01 -18.05
C GLU B 62 -22.77 0.84 -18.52
N ILE B 63 -23.42 1.98 -18.76
CA ILE B 63 -24.79 2.04 -19.34
C ILE B 63 -24.88 1.24 -20.64
N GLU B 64 -23.95 1.50 -21.55
CA GLU B 64 -23.96 0.92 -22.89
C GLU B 64 -23.56 -0.56 -22.90
N ILE B 65 -22.71 -0.98 -21.95
CA ILE B 65 -22.47 -2.41 -21.67
C ILE B 65 -23.75 -3.08 -21.11
N LEU B 66 -24.37 -2.51 -20.07
CA LEU B 66 -25.56 -3.13 -19.42
C LEU B 66 -26.86 -3.14 -20.28
N ARG B 67 -27.03 -2.13 -21.13
CA ARG B 67 -28.11 -2.07 -22.14
C ARG B 67 -28.19 -3.29 -23.05
N ASN B 68 -27.02 -3.81 -23.44
CA ASN B 68 -26.91 -4.88 -24.44
C ASN B 68 -26.61 -6.28 -23.86
N LEU B 69 -26.63 -6.43 -22.53
CA LEU B 69 -26.57 -7.75 -21.89
C LEU B 69 -28.01 -8.22 -21.65
N TYR B 70 -28.38 -9.38 -22.20
CA TYR B 70 -29.71 -9.99 -22.02
C TYR B 70 -29.51 -11.40 -21.47
N HIS B 71 -29.76 -11.60 -20.19
CA HIS B 71 -29.56 -12.91 -19.53
C HIS B 71 -30.29 -12.98 -18.19
N GLU B 72 -30.84 -14.16 -17.88
CA GLU B 72 -31.66 -14.40 -16.66
C GLU B 72 -30.94 -13.99 -15.38
N ASN B 73 -29.67 -14.37 -15.34
CA ASN B 73 -28.74 -14.07 -14.25
C ASN B 73 -27.93 -12.72 -14.30
N ILE B 74 -28.31 -11.77 -15.14
CA ILE B 74 -27.80 -10.40 -15.02
C ILE B 74 -28.96 -9.43 -14.89
N VAL B 75 -28.82 -8.44 -13.99
CA VAL B 75 -29.81 -7.40 -13.71
C VAL B 75 -30.22 -6.63 -14.97
N LYS B 76 -31.47 -6.20 -15.02
CA LYS B 76 -32.10 -5.68 -16.24
C LYS B 76 -31.99 -4.17 -16.29
N TYR B 77 -31.31 -3.69 -17.33
CA TYR B 77 -31.41 -2.30 -17.77
C TYR B 77 -32.86 -1.92 -18.02
N LYS B 78 -33.31 -0.84 -17.39
CA LYS B 78 -34.61 -0.21 -17.62
C LYS B 78 -34.51 1.07 -18.47
N GLY B 79 -33.53 1.93 -18.16
CA GLY B 79 -33.34 3.11 -18.96
C GLY B 79 -32.31 4.09 -18.49
N ILE B 80 -32.37 5.28 -19.12
CA ILE B 80 -31.52 6.42 -18.75
C ILE B 80 -32.36 7.64 -18.35
N CYS B 81 -31.77 8.47 -17.49
CA CYS B 81 -32.22 9.85 -17.25
C CYS B 81 -31.02 10.76 -17.63
N THR B 82 -31.22 11.64 -18.63
CA THR B 82 -30.17 12.53 -19.15
C THR B 82 -30.08 13.86 -18.38
N ILE B 89 -25.85 12.47 -16.35
CA ILE B 89 -26.56 11.25 -16.72
C ILE B 89 -26.72 10.23 -15.55
N LYS B 90 -27.84 9.45 -15.58
CA LYS B 90 -28.13 8.39 -14.59
C LYS B 90 -28.52 7.07 -15.26
N LEU B 91 -28.16 5.95 -14.62
CA LEU B 91 -28.51 4.60 -15.09
C LEU B 91 -29.68 4.03 -14.26
N ILE B 92 -30.78 3.68 -14.94
CA ILE B 92 -32.01 3.17 -14.29
C ILE B 92 -32.09 1.66 -14.49
N MET B 93 -32.14 0.92 -13.38
CA MET B 93 -32.16 -0.55 -13.36
C MET B 93 -33.39 -1.03 -12.56
N GLU B 94 -33.79 -2.28 -12.75
CA GLU B 94 -34.80 -2.91 -11.87
C GLU B 94 -34.36 -2.95 -10.39
N PHE B 95 -35.31 -2.70 -9.49
CA PHE B 95 -35.08 -2.84 -8.05
C PHE B 95 -35.42 -4.27 -7.63
N LEU B 96 -34.49 -4.93 -6.94
CA LEU B 96 -34.66 -6.27 -6.38
C LEU B 96 -34.66 -6.08 -4.88
N PRO B 97 -35.85 -6.13 -4.23
CA PRO B 97 -35.91 -5.73 -2.82
C PRO B 97 -35.19 -6.59 -1.77
N SER B 98 -34.85 -7.84 -2.10
CA SER B 98 -34.12 -8.73 -1.16
C SER B 98 -32.62 -8.41 -1.17
N GLY B 99 -32.14 -7.75 -2.22
CA GLY B 99 -30.87 -7.05 -2.20
C GLY B 99 -29.70 -7.96 -2.46
N SER B 100 -28.51 -7.52 -2.08
CA SER B 100 -27.31 -8.31 -2.32
C SER B 100 -27.26 -9.51 -1.38
N LEU B 101 -26.49 -10.53 -1.77
CA LEU B 101 -26.21 -11.70 -0.93
C LEU B 101 -25.63 -11.33 0.44
N LYS B 102 -24.76 -10.30 0.44
CA LYS B 102 -24.21 -9.68 1.66
C LYS B 102 -25.27 -9.32 2.71
N GLU B 103 -26.37 -8.71 2.28
CA GLU B 103 -27.51 -8.39 3.15
C GLU B 103 -28.49 -9.56 3.35
N TYR B 104 -28.61 -10.43 2.34
CA TYR B 104 -29.63 -11.48 2.34
C TYR B 104 -29.27 -12.67 3.20
N LEU B 105 -28.07 -13.20 2.98
CA LEU B 105 -27.61 -14.46 3.62
C LEU B 105 -27.59 -14.48 5.16
N PRO B 106 -27.12 -13.40 5.82
CA PRO B 106 -27.22 -13.33 7.28
C PRO B 106 -28.62 -13.48 7.86
N LYS B 107 -29.62 -12.95 7.15
CA LYS B 107 -31.03 -13.00 7.59
C LYS B 107 -31.80 -14.27 7.21
N ASN B 108 -31.35 -15.02 6.21
CA ASN B 108 -32.12 -16.16 5.65
C ASN B 108 -31.28 -17.44 5.61
N LYS B 109 -30.39 -17.64 6.60
CA LYS B 109 -29.58 -18.88 6.75
C LYS B 109 -30.47 -20.13 6.92
N ASN B 110 -31.56 -19.98 7.66
CA ASN B 110 -32.56 -21.04 7.82
C ASN B 110 -33.18 -21.50 6.48
N LYS B 111 -33.52 -20.55 5.62
CA LYS B 111 -34.14 -20.83 4.29
C LYS B 111 -33.17 -21.36 3.22
N ILE B 112 -31.87 -21.11 3.38
CA ILE B 112 -30.88 -21.35 2.32
C ILE B 112 -29.85 -22.35 2.83
N ASN B 113 -29.79 -23.48 2.13
CA ASN B 113 -28.94 -24.63 2.51
C ASN B 113 -27.93 -24.89 1.37
N LEU B 114 -27.09 -25.91 1.57
CA LEU B 114 -26.02 -26.27 0.63
C LEU B 114 -26.46 -26.40 -0.84
N LYS B 115 -27.55 -27.13 -1.05
CA LYS B 115 -28.11 -27.33 -2.40
C LYS B 115 -28.45 -25.98 -3.04
N GLN B 116 -29.13 -25.13 -2.28
CA GLN B 116 -29.51 -23.82 -2.75
C GLN B 116 -28.30 -22.88 -2.99
N GLN B 117 -27.27 -22.96 -2.15
CA GLN B 117 -26.02 -22.21 -2.33
C GLN B 117 -25.29 -22.64 -3.59
N LEU B 118 -25.25 -23.94 -3.86
CA LEU B 118 -24.64 -24.42 -5.11
C LEU B 118 -25.41 -23.99 -6.37
N LYS B 119 -26.72 -23.81 -6.24
CA LYS B 119 -27.56 -23.36 -7.36
C LYS B 119 -27.32 -21.89 -7.69
N TYR B 120 -27.24 -21.06 -6.65
CA TYR B 120 -26.77 -19.70 -6.79
C TYR B 120 -25.41 -19.67 -7.47
N ALA B 121 -24.48 -20.51 -7.00
CA ALA B 121 -23.15 -20.64 -7.61
C ALA B 121 -23.20 -20.92 -9.12
N VAL B 122 -24.00 -21.91 -9.53
CA VAL B 122 -24.22 -22.20 -10.99
C VAL B 122 -24.71 -20.96 -11.76
N GLN B 123 -25.73 -20.33 -11.20
CA GLN B 123 -26.32 -19.10 -11.75
C GLN B 123 -25.35 -17.90 -11.90
N ILE B 124 -24.42 -17.78 -10.96
CA ILE B 124 -23.37 -16.75 -11.03
C ILE B 124 -22.43 -17.13 -12.18
N CYS B 125 -22.04 -18.43 -12.29
CA CYS B 125 -21.13 -18.87 -13.38
C CYS B 125 -21.72 -18.69 -14.82
N LYS B 126 -23.04 -18.76 -14.93
CA LYS B 126 -23.78 -18.62 -16.21
C LYS B 126 -23.91 -17.19 -16.70
N GLY B 127 -24.15 -16.28 -15.76
CA GLY B 127 -24.14 -14.86 -16.02
C GLY B 127 -22.72 -14.42 -16.39
N MET B 128 -21.74 -14.92 -15.63
CA MET B 128 -20.32 -14.64 -15.86
C MET B 128 -19.75 -15.19 -17.17
N ASP B 129 -20.21 -16.38 -17.59
CA ASP B 129 -19.76 -16.96 -18.88
C ASP B 129 -20.39 -16.25 -20.11
N TYR B 130 -21.64 -15.81 -19.96
CA TYR B 130 -22.29 -14.95 -20.98
C TYR B 130 -21.47 -13.65 -21.22
N LEU B 131 -21.13 -12.99 -20.11
CA LEU B 131 -20.32 -11.78 -20.10
C LEU B 131 -18.99 -12.02 -20.82
N GLY B 132 -18.24 -13.03 -20.36
CA GLY B 132 -16.96 -13.45 -20.93
C GLY B 132 -16.99 -13.69 -22.43
N SER B 133 -17.94 -14.52 -22.84
CA SER B 133 -18.20 -14.83 -24.28
C SER B 133 -18.57 -13.62 -25.16
N ARG B 134 -19.08 -12.54 -24.54
CA ARG B 134 -19.31 -11.24 -25.17
C ARG B 134 -18.05 -10.30 -25.13
N GLN B 135 -16.84 -10.85 -24.92
CA GLN B 135 -15.58 -10.11 -24.86
C GLN B 135 -15.53 -9.04 -23.76
N TYR B 136 -15.98 -9.39 -22.54
CA TYR B 136 -15.97 -8.49 -21.37
C TYR B 136 -15.30 -9.17 -20.17
N VAL B 137 -14.60 -8.38 -19.35
CA VAL B 137 -14.01 -8.79 -18.06
C VAL B 137 -14.66 -7.90 -17.01
N HIS B 138 -15.15 -8.49 -15.92
CA HIS B 138 -15.97 -7.80 -14.91
C HIS B 138 -15.17 -7.01 -13.87
N ARG B 139 -14.09 -7.62 -13.38
CA ARG B 139 -13.13 -6.98 -12.45
C ARG B 139 -13.64 -6.64 -11.02
N ASP B 140 -14.82 -7.09 -10.64
CA ASP B 140 -15.51 -6.68 -9.37
C ASP B 140 -16.53 -7.72 -8.84
N LEU B 141 -16.30 -9.00 -9.10
CA LEU B 141 -17.28 -10.05 -8.74
C LEU B 141 -17.13 -10.27 -7.25
N ALA B 142 -18.07 -9.73 -6.49
CA ALA B 142 -18.15 -9.98 -5.05
C ALA B 142 -19.58 -10.29 -4.64
N ALA B 143 -19.74 -10.86 -3.44
CA ALA B 143 -21.11 -11.18 -2.91
C ALA B 143 -22.00 -9.96 -2.83
N ARG B 144 -21.39 -8.81 -2.54
CA ARG B 144 -22.07 -7.51 -2.57
C ARG B 144 -22.67 -7.06 -3.91
N ASN B 145 -22.24 -7.64 -5.04
CA ASN B 145 -22.80 -7.33 -6.38
C ASN B 145 -23.66 -8.45 -6.94
N VAL B 146 -24.00 -9.47 -6.12
CA VAL B 146 -24.89 -10.54 -6.55
C VAL B 146 -26.18 -10.29 -5.81
N LEU B 147 -27.24 -10.02 -6.59
CA LEU B 147 -28.58 -9.67 -6.08
C LEU B 147 -29.48 -10.88 -6.01
N VAL B 148 -30.52 -10.80 -5.19
CA VAL B 148 -31.47 -11.89 -4.98
C VAL B 148 -32.76 -11.44 -5.62
N GLU B 149 -33.11 -12.10 -6.72
CA GLU B 149 -34.37 -11.86 -7.43
C GLU B 149 -35.48 -12.55 -6.61
N SER B 150 -35.25 -13.83 -6.31
CA SER B 150 -36.09 -14.61 -5.40
C SER B 150 -35.18 -15.61 -4.68
N GLU B 151 -35.76 -16.51 -3.89
CA GLU B 151 -34.99 -17.58 -3.21
C GLU B 151 -34.41 -18.61 -4.22
N HIS B 152 -34.98 -18.70 -5.42
CA HIS B 152 -34.49 -19.56 -6.51
C HIS B 152 -33.68 -18.82 -7.61
N GLN B 153 -33.44 -17.51 -7.48
CA GLN B 153 -32.79 -16.76 -8.53
C GLN B 153 -31.89 -15.61 -8.01
N VAL B 154 -30.60 -15.67 -8.40
CA VAL B 154 -29.67 -14.55 -8.22
C VAL B 154 -29.27 -13.88 -9.53
N LYS B 155 -28.85 -12.62 -9.45
CA LYS B 155 -28.33 -11.86 -10.61
C LYS B 155 -27.10 -11.01 -10.31
N ILE B 156 -26.20 -10.94 -11.29
CA ILE B 156 -25.04 -10.02 -11.22
C ILE B 156 -25.68 -8.65 -11.38
N GLY B 157 -25.49 -7.82 -10.37
CA GLY B 157 -26.18 -6.54 -10.25
C GLY B 157 -25.32 -5.29 -10.35
N ASP B 158 -24.03 -5.39 -10.68
CA ASP B 158 -23.19 -4.18 -10.84
C ASP B 158 -22.17 -4.42 -11.90
N PHE B 159 -22.03 -3.42 -12.78
CA PHE B 159 -21.09 -3.48 -13.91
C PHE B 159 -20.22 -2.21 -13.99
N GLY B 160 -19.86 -1.68 -12.81
CA GLY B 160 -19.03 -0.46 -12.67
C GLY B 160 -17.60 -0.50 -13.15
N LEU B 161 -16.95 -1.64 -12.95
CA LEU B 161 -15.57 -1.93 -13.34
C LEU B 161 -15.43 -2.82 -14.59
N THR B 162 -16.52 -3.02 -15.32
CA THR B 162 -16.55 -3.96 -16.44
C THR B 162 -15.89 -3.31 -17.67
N LYS B 163 -15.08 -4.11 -18.37
CA LYS B 163 -14.19 -3.65 -19.43
C LYS B 163 -14.18 -4.64 -20.59
N ALA B 164 -14.18 -4.10 -21.80
CA ALA B 164 -13.93 -4.87 -23.02
C ALA B 164 -12.47 -5.35 -23.07
N ILE B 165 -12.28 -6.65 -23.36
CA ILE B 165 -10.99 -7.21 -23.80
C ILE B 165 -10.99 -7.09 -25.34
N GLU B 166 -9.91 -6.55 -25.89
CA GLU B 166 -9.70 -6.44 -27.35
C GLU B 166 -9.58 -7.83 -28.02
N THR B 167 -9.84 -7.93 -29.33
CA THR B 167 -9.65 -9.18 -30.09
C THR B 167 -8.19 -9.63 -30.11
N ASP B 168 -7.26 -8.69 -30.32
CA ASP B 168 -5.82 -8.98 -30.41
C ASP B 168 -5.24 -9.48 -29.08
N LYS B 169 -5.43 -8.67 -28.02
CA LYS B 169 -4.99 -9.06 -26.66
C LYS B 169 -5.93 -10.12 -26.04
N GLU B 170 -5.43 -10.79 -25.00
CA GLU B 170 -6.21 -11.76 -24.21
C GLU B 170 -6.41 -11.28 -22.74
N THR B 173 -5.47 -4.14 -19.43
CA THR B 173 -4.55 -3.45 -18.52
C THR B 173 -5.21 -2.17 -17.97
N VAL B 174 -5.47 -2.16 -16.65
CA VAL B 174 -6.07 -1.01 -15.95
C VAL B 174 -5.01 0.02 -15.57
N LYS B 175 -5.40 1.30 -15.63
CA LYS B 175 -4.59 2.42 -15.16
C LYS B 175 -5.08 2.81 -13.76
N ASP B 176 -6.37 3.17 -13.66
CA ASP B 176 -6.99 3.58 -12.41
C ASP B 176 -7.34 2.36 -11.56
N ASP B 177 -6.35 1.91 -10.79
CA ASP B 177 -6.48 0.81 -9.82
C ASP B 177 -6.71 1.29 -8.38
N ARG B 178 -7.06 2.58 -8.19
CA ARG B 178 -7.33 3.15 -6.88
C ARG B 178 -8.66 2.56 -6.37
N ASP B 179 -8.67 2.24 -5.08
CA ASP B 179 -9.75 1.51 -4.37
C ASP B 179 -10.28 0.28 -5.12
N SER B 180 -9.36 -0.54 -5.64
CA SER B 180 -9.69 -1.89 -6.12
C SER B 180 -10.01 -2.84 -4.95
N PRO B 181 -10.84 -3.88 -5.19
CA PRO B 181 -11.10 -4.92 -4.17
C PRO B 181 -9.99 -5.98 -4.17
N VAL B 182 -8.94 -5.68 -3.42
CA VAL B 182 -7.70 -6.45 -3.45
C VAL B 182 -7.80 -7.89 -2.94
N PHE B 183 -8.61 -8.11 -1.93
CA PHE B 183 -8.77 -9.48 -1.39
C PHE B 183 -9.61 -10.43 -2.26
N TRP B 184 -10.27 -9.86 -3.29
CA TRP B 184 -10.99 -10.60 -4.32
C TRP B 184 -10.17 -10.80 -5.61
N TYR B 185 -8.91 -10.29 -5.67
CA TYR B 185 -8.15 -10.21 -6.91
C TYR B 185 -7.12 -11.34 -7.07
N ALA B 186 -7.00 -11.83 -8.32
CA ALA B 186 -5.94 -12.79 -8.70
C ALA B 186 -4.55 -12.09 -8.71
N PRO B 187 -3.44 -12.89 -8.61
CA PRO B 187 -2.12 -12.29 -8.47
C PRO B 187 -1.63 -11.41 -9.64
N GLU B 188 -1.99 -11.79 -10.88
CA GLU B 188 -1.80 -10.94 -12.08
C GLU B 188 -2.45 -9.54 -12.02
N CYS B 189 -3.62 -9.44 -11.38
CA CYS B 189 -4.27 -8.15 -11.10
C CYS B 189 -3.50 -7.34 -10.07
N LEU B 190 -3.09 -8.00 -8.99
CA LEU B 190 -2.23 -7.37 -7.98
C LEU B 190 -0.82 -6.98 -8.46
N MET B 191 -0.24 -7.72 -9.40
CA MET B 191 1.17 -7.54 -9.81
C MET B 191 1.37 -6.70 -11.09
N GLN B 192 0.77 -7.17 -12.20
CA GLN B 192 0.87 -6.50 -13.52
C GLN B 192 -0.31 -5.58 -13.86
N SER B 193 -1.30 -5.42 -12.97
CA SER B 193 -2.55 -4.67 -13.25
C SER B 193 -3.37 -5.23 -14.45
N LYS B 194 -3.24 -6.53 -14.69
CA LYS B 194 -3.78 -7.20 -15.86
C LYS B 194 -5.05 -7.95 -15.44
N PHE B 195 -6.03 -7.99 -16.33
CA PHE B 195 -7.34 -8.62 -16.08
C PHE B 195 -7.74 -9.54 -17.22
N TYR B 196 -7.64 -10.85 -16.96
CA TYR B 196 -8.04 -11.91 -17.88
C TYR B 196 -9.44 -12.36 -17.49
N ILE B 197 -10.11 -13.09 -18.38
CA ILE B 197 -11.36 -13.80 -17.99
C ILE B 197 -11.08 -14.73 -16.77
N ALA B 198 -9.94 -15.43 -16.82
CA ALA B 198 -9.46 -16.28 -15.70
C ALA B 198 -9.32 -15.56 -14.36
N SER B 199 -9.11 -14.24 -14.37
CA SER B 199 -9.15 -13.42 -13.16
C SER B 199 -10.54 -13.32 -12.56
N ASP B 200 -11.59 -13.23 -13.39
CA ASP B 200 -12.98 -13.31 -12.89
C ASP B 200 -13.29 -14.64 -12.16
N VAL B 201 -12.64 -15.73 -12.63
CA VAL B 201 -12.76 -17.07 -12.04
C VAL B 201 -12.13 -17.10 -10.64
N TRP B 202 -11.00 -16.41 -10.50
CA TRP B 202 -10.35 -16.21 -9.20
C TRP B 202 -11.32 -15.59 -8.25
N SER B 203 -11.89 -14.45 -8.66
CA SER B 203 -12.89 -13.70 -7.88
C SER B 203 -14.14 -14.51 -7.56
N PHE B 204 -14.56 -15.37 -8.49
CA PHE B 204 -15.70 -16.25 -8.22
C PHE B 204 -15.41 -17.15 -7.01
N GLY B 205 -14.23 -17.79 -7.00
CA GLY B 205 -13.79 -18.64 -5.88
C GLY B 205 -13.89 -17.95 -4.52
N VAL B 206 -13.53 -16.67 -4.47
CA VAL B 206 -13.68 -15.86 -3.25
C VAL B 206 -15.16 -15.57 -2.95
N THR B 207 -15.93 -15.26 -3.99
CA THR B 207 -17.35 -14.97 -3.89
C THR B 207 -18.08 -16.22 -3.34
N LEU B 208 -17.67 -17.39 -3.86
CA LEU B 208 -18.14 -18.70 -3.43
C LEU B 208 -17.75 -18.96 -1.97
N HIS B 209 -16.56 -18.55 -1.58
CA HIS B 209 -16.20 -18.57 -0.16
C HIS B 209 -17.20 -17.75 0.68
N GLU B 210 -17.50 -16.52 0.25
CA GLU B 210 -18.42 -15.65 1.02
C GLU B 210 -19.82 -16.28 1.16
N LEU B 211 -20.30 -16.81 0.04
CA LEU B 211 -21.58 -17.50 -0.11
C LEU B 211 -21.73 -18.68 0.87
N LEU B 212 -20.70 -19.53 0.90
CA LEU B 212 -20.61 -20.67 1.80
C LEU B 212 -20.50 -20.35 3.30
N THR B 213 -20.05 -19.14 3.65
CA THR B 213 -19.98 -18.62 5.03
C THR B 213 -21.15 -17.67 5.35
N TYR B 214 -22.16 -17.61 4.48
CA TYR B 214 -23.34 -16.74 4.67
C TYR B 214 -23.01 -15.25 4.88
N CYS B 215 -21.98 -14.79 4.15
CA CYS B 215 -21.42 -13.44 4.26
C CYS B 215 -21.29 -12.94 5.72
N ASP B 216 -20.74 -13.80 6.58
CA ASP B 216 -20.38 -13.45 7.96
C ASP B 216 -19.13 -12.54 7.87
N SER B 217 -19.26 -11.33 8.39
CA SER B 217 -18.19 -10.31 8.38
C SER B 217 -16.92 -10.83 9.04
N ASP B 218 -17.07 -11.47 10.19
CA ASP B 218 -15.94 -12.03 10.99
C ASP B 218 -15.08 -13.06 10.23
N SER B 219 -15.67 -13.75 9.24
CA SER B 219 -14.96 -14.70 8.41
C SER B 219 -14.91 -14.27 6.93
N SER B 220 -14.89 -12.94 6.67
CA SER B 220 -14.91 -12.43 5.28
C SER B 220 -13.49 -12.50 4.69
N PRO B 221 -13.34 -12.43 3.35
CA PRO B 221 -12.02 -12.44 2.70
C PRO B 221 -11.01 -11.42 3.22
N MET B 222 -11.42 -10.18 3.43
CA MET B 222 -10.60 -9.16 4.08
C MET B 222 -10.18 -9.65 5.48
N ALA B 223 -11.15 -9.94 6.35
CA ALA B 223 -10.89 -10.28 7.77
C ALA B 223 -10.10 -11.56 7.99
N LEU B 224 -10.19 -12.53 7.09
CA LEU B 224 -9.37 -13.74 7.16
C LEU B 224 -7.99 -13.53 6.54
N PHE B 225 -7.92 -12.85 5.39
CA PHE B 225 -6.60 -12.44 4.83
C PHE B 225 -5.82 -11.55 5.82
N LEU B 226 -6.50 -10.55 6.40
CA LEU B 226 -5.91 -9.66 7.44
C LEU B 226 -5.53 -10.36 8.75
N LYS B 227 -6.18 -11.48 9.09
CA LYS B 227 -5.73 -12.39 10.17
C LYS B 227 -4.43 -13.13 9.82
N MET B 228 -4.29 -13.55 8.54
CA MET B 228 -3.09 -14.23 8.04
C MET B 228 -1.84 -13.34 7.88
N ILE B 229 -1.94 -12.28 7.07
CA ILE B 229 -0.77 -11.43 6.71
C ILE B 229 -0.34 -10.48 7.84
N GLY B 230 -1.31 -9.85 8.51
CA GLY B 230 -1.13 -8.97 9.67
C GLY B 230 -2.20 -7.87 9.66
N PRO B 231 -2.93 -7.65 10.80
CA PRO B 231 -3.94 -6.55 10.86
C PRO B 231 -3.36 -5.13 10.60
N THR B 232 -2.14 -4.92 11.11
CA THR B 232 -1.20 -3.86 10.74
C THR B 232 -0.94 -3.70 9.20
N HIS B 233 -0.08 -2.74 8.85
CA HIS B 233 0.43 -2.50 7.47
C HIS B 233 -0.66 -1.77 6.67
N GLY B 234 -0.42 -0.52 6.27
CA GLY B 234 -1.38 0.24 5.44
C GLY B 234 -0.99 0.02 3.99
N GLN B 235 0.03 0.75 3.56
CA GLN B 235 0.56 0.64 2.17
C GLN B 235 1.11 -0.78 1.82
N MET B 236 1.64 -1.50 2.83
CA MET B 236 2.29 -2.83 2.63
C MET B 236 1.34 -4.01 2.66
N THR B 237 0.04 -3.78 2.90
CA THR B 237 -0.97 -4.84 2.85
C THR B 237 -0.92 -5.64 1.54
N VAL B 238 -0.85 -4.91 0.42
CA VAL B 238 -1.06 -5.50 -0.94
C VAL B 238 0.15 -6.29 -1.39
N THR B 239 1.34 -5.82 -1.06
CA THR B 239 2.56 -6.55 -1.34
C THR B 239 2.71 -7.77 -0.44
N ARG B 240 2.33 -7.65 0.84
CA ARG B 240 2.27 -8.80 1.78
C ARG B 240 1.23 -9.83 1.40
N LEU B 241 0.07 -9.39 0.87
CA LEU B 241 -0.92 -10.30 0.23
C LEU B 241 -0.32 -11.08 -0.94
N VAL B 242 0.33 -10.40 -1.88
CA VAL B 242 1.00 -11.02 -3.04
C VAL B 242 2.02 -12.08 -2.62
N ASN B 243 2.74 -11.86 -1.51
CA ASN B 243 3.75 -12.81 -1.03
C ASN B 243 3.18 -14.09 -0.34
N THR B 244 2.03 -13.99 0.35
CA THR B 244 1.39 -15.20 0.93
C THR B 244 0.76 -16.09 -0.16
N LEU B 245 0.08 -15.46 -1.13
CA LEU B 245 -0.40 -16.16 -2.35
C LEU B 245 0.71 -16.83 -3.18
N LYS B 246 1.88 -16.20 -3.26
CA LYS B 246 3.08 -16.79 -3.87
C LYS B 246 3.56 -18.05 -3.13
N GLU B 247 3.61 -17.98 -1.79
CA GLU B 247 3.92 -19.14 -0.92
C GLU B 247 2.95 -20.34 -1.05
N GLY B 248 1.70 -20.08 -1.47
CA GLY B 248 0.64 -21.08 -1.61
C GLY B 248 -0.45 -21.01 -0.56
N LYS B 249 -0.54 -19.90 0.18
CA LYS B 249 -1.54 -19.71 1.23
C LYS B 249 -2.84 -19.23 0.58
N ARG B 250 -3.93 -19.92 0.90
CA ARG B 250 -5.29 -19.59 0.43
C ARG B 250 -6.27 -19.61 1.58
N LEU B 251 -7.43 -18.99 1.38
CA LEU B 251 -8.50 -18.98 2.39
C LEU B 251 -8.88 -20.40 2.82
N PRO B 252 -9.15 -20.62 4.12
CA PRO B 252 -9.38 -22.00 4.57
C PRO B 252 -10.78 -22.45 4.21
N CYS B 253 -11.00 -23.76 4.33
CA CYS B 253 -12.31 -24.35 4.10
C CYS B 253 -13.32 -23.70 5.05
N PRO B 254 -14.44 -23.15 4.51
CA PRO B 254 -15.53 -22.70 5.40
C PRO B 254 -16.06 -23.86 6.27
N PRO B 255 -16.52 -23.58 7.51
CA PRO B 255 -17.04 -24.69 8.33
C PRO B 255 -18.37 -25.19 7.72
N ASN B 256 -18.55 -26.50 7.75
CA ASN B 256 -19.65 -27.22 7.06
C ASN B 256 -19.65 -27.14 5.52
N CYS B 257 -18.49 -26.87 4.93
CA CYS B 257 -18.27 -26.96 3.49
C CYS B 257 -17.56 -28.30 3.30
N PRO B 258 -18.14 -29.20 2.47
CA PRO B 258 -17.47 -30.49 2.25
C PRO B 258 -16.22 -30.33 1.37
N ASP B 259 -15.27 -31.25 1.52
CA ASP B 259 -13.98 -31.17 0.81
C ASP B 259 -14.13 -31.04 -0.72
N GLU B 260 -15.05 -31.82 -1.30
CA GLU B 260 -15.37 -31.81 -2.76
C GLU B 260 -15.75 -30.43 -3.31
N VAL B 261 -16.45 -29.65 -2.50
CA VAL B 261 -16.80 -28.26 -2.82
C VAL B 261 -15.52 -27.43 -2.72
N TYR B 262 -14.78 -27.61 -1.62
CA TYR B 262 -13.53 -26.88 -1.37
C TYR B 262 -12.48 -27.07 -2.48
N GLN B 263 -12.42 -28.26 -3.10
CA GLN B 263 -11.50 -28.50 -4.24
C GLN B 263 -11.89 -27.76 -5.53
N LEU B 264 -13.19 -27.55 -5.76
CA LEU B 264 -13.68 -26.66 -6.83
C LEU B 264 -13.30 -25.19 -6.59
N MET B 265 -13.38 -24.79 -5.33
CA MET B 265 -12.94 -23.47 -4.86
C MET B 265 -11.43 -23.30 -5.02
N ARG B 266 -10.66 -24.29 -4.57
CA ARG B 266 -9.19 -24.32 -4.72
C ARG B 266 -8.71 -24.17 -6.17
N LYS B 267 -9.37 -24.88 -7.11
CA LYS B 267 -9.12 -24.77 -8.57
C LYS B 267 -9.27 -23.36 -9.16
N CYS B 268 -10.16 -22.56 -8.58
CA CYS B 268 -10.26 -21.13 -8.94
C CYS B 268 -9.01 -20.31 -8.58
N TRP B 269 -8.25 -20.78 -7.58
CA TRP B 269 -7.18 -20.04 -6.97
C TRP B 269 -5.76 -20.54 -7.26
N GLU B 270 -5.53 -21.17 -8.42
CA GLU B 270 -4.20 -21.79 -8.74
C GLU B 270 -2.96 -20.83 -8.65
N PHE B 271 -2.61 -20.07 -9.69
CA PHE B 271 -1.66 -18.91 -9.64
C PHE B 271 -1.58 -18.31 -11.04
N GLN B 272 -1.22 -19.14 -12.03
CA GLN B 272 -1.19 -18.74 -13.43
C GLN B 272 -2.62 -18.72 -13.99
N PRO B 273 -3.05 -17.65 -14.71
CA PRO B 273 -4.42 -17.61 -15.27
C PRO B 273 -4.80 -18.78 -16.20
N SER B 274 -3.88 -19.19 -17.08
CA SER B 274 -4.13 -20.29 -18.03
C SER B 274 -4.28 -21.68 -17.39
N ASN B 275 -3.69 -21.90 -16.20
CA ASN B 275 -3.80 -23.18 -15.42
C ASN B 275 -4.79 -23.08 -14.26
N ARG B 276 -5.97 -22.58 -14.60
CA ARG B 276 -7.06 -22.25 -13.68
C ARG B 276 -8.34 -22.74 -14.35
N THR B 277 -9.28 -23.25 -13.56
CA THR B 277 -10.54 -23.81 -14.10
C THR B 277 -11.39 -22.76 -14.84
N SER B 278 -12.25 -23.19 -15.77
CA SER B 278 -13.17 -22.28 -16.48
C SER B 278 -14.58 -22.33 -15.87
N PHE B 279 -15.38 -21.31 -16.16
CA PHE B 279 -16.76 -21.21 -15.65
C PHE B 279 -17.67 -22.39 -16.10
N GLN B 280 -17.47 -22.86 -17.32
CA GLN B 280 -18.18 -24.06 -17.84
C GLN B 280 -17.82 -25.34 -17.08
N ASN B 281 -16.52 -25.53 -16.83
CA ASN B 281 -16.01 -26.65 -16.00
C ASN B 281 -16.61 -26.61 -14.58
N LEU B 282 -16.66 -25.42 -13.99
CA LEU B 282 -17.30 -25.21 -12.68
C LEU B 282 -18.82 -25.55 -12.62
N ILE B 283 -19.57 -25.21 -13.67
CA ILE B 283 -20.98 -25.58 -13.81
C ILE B 283 -21.13 -27.10 -13.72
N GLU B 284 -20.42 -27.81 -14.62
CA GLU B 284 -20.39 -29.28 -14.64
C GLU B 284 -20.01 -29.93 -13.29
N GLY B 285 -19.10 -29.31 -12.55
CA GLY B 285 -18.71 -29.76 -11.20
C GLY B 285 -19.78 -29.54 -10.15
N PHE B 286 -20.43 -28.37 -10.20
CA PHE B 286 -21.55 -28.06 -9.30
C PHE B 286 -22.77 -28.96 -9.62
N GLU B 287 -23.15 -29.07 -10.90
CA GLU B 287 -24.26 -29.90 -11.37
C GLU B 287 -24.16 -31.36 -10.90
N ALA B 288 -22.98 -31.96 -11.11
CA ALA B 288 -22.65 -33.31 -10.60
C ALA B 288 -22.86 -33.53 -9.09
N LEU B 289 -22.59 -32.49 -8.29
CA LEU B 289 -22.83 -32.53 -6.83
C LEU B 289 -24.32 -32.40 -6.46
N LEU B 290 -25.08 -31.62 -7.23
CA LEU B 290 -26.50 -31.35 -6.96
C LEU B 290 -27.45 -32.58 -7.07
#